data_3QQ7
#
_entry.id   3QQ7
#
_cell.length_a   60.560
_cell.length_b   60.560
_cell.length_c   63.110
_cell.angle_alpha   90.000
_cell.angle_beta   90.000
_cell.angle_gamma   120.000
#
_symmetry.space_group_name_H-M   'P 31'
#
loop_
_entity.id
_entity.type
_entity.pdbx_description
1 polymer 'Transitional endoplasmic reticulum ATPase'
2 non-polymer HEXANE-1,6-DIOL
3 non-polymer GLYCEROL
4 non-polymer 'COBALT (II) ION'
5 non-polymer 'CHLORIDE ION'
6 water water
#
_entity_poly.entity_id   1
_entity_poly.type   'polypeptide(L)'
_entity_poly.pdbx_seq_one_letter_code
;ASGADSKGDDLSTAILKQKNRPNRLIVDEAINEDNSVVSLSQPKMDELQLFRGDTVLLKGKKRREAVCIVLSDDTCSDEK
IRMNRVVRNNLRVRLGDVISIQPCPDVKYGKRIHVLPIDDTVEGITGNLFEVYLKPYFLEAYRPIRKGDIFLVRGGMRAV
EFKVVETDPSPYCIVAPDTVIHCEGE
;
_entity_poly.pdbx_strand_id   A
#
# COMPACT_ATOMS: atom_id res chain seq x y z
N LYS A 19 23.92 -15.25 -8.97
CA LYS A 19 23.42 -14.85 -7.66
C LYS A 19 23.35 -13.33 -7.57
N ASN A 20 22.82 -12.80 -6.46
CA ASN A 20 23.10 -11.43 -6.02
C ASN A 20 22.04 -10.32 -6.24
N ARG A 21 21.15 -10.53 -7.20
CA ARG A 21 20.36 -9.45 -7.81
C ARG A 21 19.92 -8.20 -7.01
N PRO A 22 20.04 -7.02 -7.65
CA PRO A 22 19.84 -5.73 -6.99
C PRO A 22 18.38 -5.45 -6.68
N ASN A 23 17.46 -6.09 -7.41
CA ASN A 23 16.04 -5.88 -7.15
C ASN A 23 15.34 -6.99 -6.36
N ARG A 24 16.11 -7.89 -5.76
CA ARG A 24 15.52 -8.83 -4.81
C ARG A 24 15.99 -8.46 -3.42
N LEU A 25 15.05 -8.16 -2.51
CA LEU A 25 15.44 -7.71 -1.18
C LEU A 25 14.74 -8.44 -0.03
N ILE A 26 15.39 -8.42 1.13
CA ILE A 26 14.90 -9.12 2.32
C ILE A 26 14.01 -8.20 3.12
N VAL A 27 12.79 -8.67 3.37
CA VAL A 27 11.82 -7.95 4.18
C VAL A 27 12.35 -7.66 5.59
N ASP A 28 11.91 -6.54 6.16
CA ASP A 28 12.40 -6.10 7.45
C ASP A 28 11.32 -5.21 8.05
N GLU A 29 11.20 -5.23 9.38
CA GLU A 29 10.15 -4.46 10.04
C GLU A 29 10.34 -2.97 9.79
N ALA A 30 9.23 -2.24 9.68
CA ALA A 30 9.27 -0.81 9.37
C ALA A 30 9.23 0.07 10.63
N ILE A 31 9.79 1.27 10.50
CA ILE A 31 9.70 2.29 11.54
C ILE A 31 8.52 3.21 11.22
N ASN A 32 8.20 3.31 9.93
CA ASN A 32 7.07 4.05 9.43
C ASN A 32 5.87 3.11 9.20
N GLU A 33 4.81 3.31 9.98
CA GLU A 33 3.68 2.39 9.95
C GLU A 33 2.65 2.73 8.87
N ASP A 34 2.86 3.86 8.17
CA ASP A 34 1.99 4.27 7.06
C ASP A 34 1.87 3.20 5.98
N ASN A 35 0.63 2.79 5.69
CA ASN A 35 0.34 1.60 4.89
C ASN A 35 0.87 1.63 3.46
N SER A 36 1.29 2.79 3.02
CA SER A 36 1.58 3.00 1.61
C SER A 36 3.07 3.13 1.41
N VAL A 37 3.80 2.91 2.49
CA VAL A 37 5.23 3.20 2.49
C VAL A 37 6.14 2.00 2.65
N VAL A 38 7.12 1.93 1.78
CA VAL A 38 8.29 1.06 1.97
C VAL A 38 9.59 1.90 1.91
N SER A 39 10.63 1.42 2.57
CA SER A 39 11.88 2.17 2.73
C SER A 39 13.13 1.38 2.30
N LEU A 40 14.09 2.07 1.68
CA LEU A 40 15.35 1.47 1.28
C LEU A 40 16.50 2.37 1.71
N SER A 41 17.71 1.81 1.74
CA SER A 41 18.88 2.66 1.87
C SER A 41 18.88 3.61 0.68
N GLN A 42 19.69 4.67 0.76
CA GLN A 42 19.84 5.61 -0.33
C GLN A 42 20.71 5.04 -1.46
N PRO A 43 21.77 4.30 -1.11
CA PRO A 43 22.51 3.65 -2.21
C PRO A 43 21.61 2.72 -3.03
N LYS A 44 20.63 2.11 -2.36
CA LYS A 44 19.77 1.16 -3.03
C LYS A 44 18.85 1.89 -4.02
N MET A 45 18.24 2.98 -3.56
CA MET A 45 17.36 3.80 -4.37
C MET A 45 18.10 4.37 -5.55
N ASP A 46 19.31 4.85 -5.27
CA ASP A 46 20.17 5.40 -6.29
C ASP A 46 20.60 4.38 -7.32
N GLU A 47 20.67 3.12 -6.88
CA GLU A 47 21.05 2.02 -7.76
C GLU A 47 19.88 1.64 -8.66
N LEU A 48 18.70 1.58 -8.06
CA LEU A 48 17.49 1.25 -8.79
C LEU A 48 16.91 2.47 -9.47
N GLN A 49 17.56 3.62 -9.26
CA GLN A 49 17.20 4.87 -9.93
C GLN A 49 15.84 5.39 -9.52
N LEU A 50 15.62 5.43 -8.22
CA LEU A 50 14.34 5.77 -7.63
C LEU A 50 14.48 7.03 -6.80
N PHE A 51 13.41 7.82 -6.78
CA PHE A 51 13.37 9.04 -5.96
C PHE A 51 12.24 8.94 -4.94
N ARG A 52 12.37 9.67 -3.83
CA ARG A 52 11.32 9.74 -2.82
C ARG A 52 10.01 10.18 -3.46
N GLY A 53 8.96 9.39 -3.21
CA GLY A 53 7.66 9.62 -3.83
C GLY A 53 7.32 8.68 -4.98
N ASP A 54 8.34 7.95 -5.43
CA ASP A 54 8.18 7.04 -6.54
C ASP A 54 7.34 5.84 -6.16
N THR A 55 6.51 5.42 -7.10
CA THR A 55 5.62 4.29 -6.93
C THR A 55 6.35 3.04 -7.36
N VAL A 56 6.32 2.02 -6.52
CA VAL A 56 6.96 0.75 -6.86
C VAL A 56 5.99 -0.41 -6.80
N LEU A 57 6.18 -1.34 -7.71
CA LEU A 57 5.48 -2.62 -7.67
C LEU A 57 6.33 -3.63 -6.88
N LEU A 58 5.74 -4.21 -5.84
CA LEU A 58 6.41 -5.25 -5.07
C LEU A 58 5.77 -6.61 -5.36
N LYS A 59 6.61 -7.61 -5.59
CA LYS A 59 6.15 -8.95 -5.85
C LYS A 59 6.51 -9.83 -4.66
N GLY A 60 5.52 -10.52 -4.11
CA GLY A 60 5.74 -11.42 -2.99
C GLY A 60 5.46 -12.91 -3.19
N LYS A 61 5.01 -13.56 -2.12
CA LYS A 61 4.70 -14.99 -2.16
C LYS A 61 3.28 -15.22 -2.64
N LYS A 62 2.99 -16.43 -3.10
CA LYS A 62 1.68 -16.77 -3.66
C LYS A 62 1.27 -15.76 -4.71
N ARG A 63 2.26 -15.24 -5.43
CA ARG A 63 2.04 -14.31 -6.53
C ARG A 63 1.11 -13.15 -6.15
N ARG A 64 1.34 -12.61 -4.95
CA ARG A 64 0.62 -11.44 -4.50
C ARG A 64 1.48 -10.26 -4.88
N GLU A 65 0.84 -9.16 -5.26
CA GLU A 65 1.57 -7.95 -5.64
C GLU A 65 1.01 -6.76 -4.91
N ALA A 66 1.89 -5.81 -4.57
CA ALA A 66 1.47 -4.57 -3.91
C ALA A 66 2.07 -3.35 -4.59
N VAL A 67 1.51 -2.18 -4.33
CA VAL A 67 2.02 -0.97 -4.95
C VAL A 67 2.21 0.07 -3.89
N CYS A 68 3.45 0.54 -3.77
CA CYS A 68 3.86 1.34 -2.62
C CYS A 68 4.55 2.63 -3.01
N ILE A 69 4.73 3.47 -2.01
CA ILE A 69 5.58 4.64 -2.16
C ILE A 69 6.88 4.35 -1.44
N VAL A 70 7.99 4.57 -2.13
CA VAL A 70 9.31 4.27 -1.58
C VAL A 70 9.99 5.51 -0.98
N LEU A 71 10.43 5.39 0.26
CA LEU A 71 11.16 6.47 0.91
C LEU A 71 12.58 6.06 1.30
N SER A 72 13.45 7.05 1.46
CA SER A 72 14.82 6.78 1.89
C SER A 72 14.85 6.62 3.40
N ASP A 73 15.48 5.54 3.87
CA ASP A 73 15.76 5.35 5.29
C ASP A 73 17.27 5.10 5.43
N ASP A 74 17.92 5.77 6.38
CA ASP A 74 19.37 5.66 6.50
C ASP A 74 19.86 4.53 7.41
N THR A 75 18.95 3.97 8.20
CA THR A 75 19.28 2.81 9.03
C THR A 75 18.93 1.53 8.29
N CYS A 76 18.64 1.66 7.01
CA CYS A 76 18.24 0.51 6.22
C CYS A 76 19.45 -0.06 5.53
N SER A 77 19.57 -1.38 5.58
CA SER A 77 20.71 -2.02 4.96
C SER A 77 20.49 -1.99 3.48
N ASP A 78 21.58 -1.86 2.73
CA ASP A 78 21.50 -1.76 1.30
C ASP A 78 20.63 -2.84 0.68
N GLU A 79 20.49 -3.97 1.34
CA GLU A 79 19.73 -5.04 0.73
C GLU A 79 18.48 -5.40 1.53
N LYS A 80 18.10 -4.53 2.45
CA LYS A 80 16.88 -4.73 3.21
C LYS A 80 15.77 -3.83 2.71
N ILE A 81 14.54 -4.23 3.01
CA ILE A 81 13.39 -3.37 2.76
C ILE A 81 12.41 -3.37 3.93
N ARG A 82 12.31 -2.22 4.60
CA ARG A 82 11.39 -2.07 5.72
C ARG A 82 9.97 -1.87 5.24
N MET A 83 9.06 -2.72 5.70
CA MET A 83 7.66 -2.52 5.38
C MET A 83 6.73 -2.88 6.54
N ASN A 84 5.74 -2.03 6.80
CA ASN A 84 4.66 -2.33 7.73
C ASN A 84 4.05 -3.70 7.41
N ARG A 85 3.22 -4.21 8.32
CA ARG A 85 2.66 -5.54 8.16
C ARG A 85 1.39 -5.55 7.34
N VAL A 86 0.84 -4.38 7.06
CA VAL A 86 -0.30 -4.26 6.16
C VAL A 86 0.19 -4.68 4.78
N VAL A 87 1.37 -4.21 4.40
CA VAL A 87 1.94 -4.57 3.13
C VAL A 87 2.43 -6.00 3.18
N ARG A 88 3.18 -6.39 4.21
CA ARG A 88 3.66 -7.77 4.33
C ARG A 88 2.52 -8.76 4.20
N ASN A 89 1.42 -8.42 4.85
CA ASN A 89 0.22 -9.23 4.76
C ASN A 89 -0.40 -9.21 3.37
N ASN A 90 -0.36 -8.06 2.71
CA ASN A 90 -0.83 -7.99 1.34
C ASN A 90 0.03 -8.81 0.40
N LEU A 91 1.32 -8.90 0.74
CA LEU A 91 2.33 -9.62 -0.02
C LEU A 91 2.43 -11.07 0.41
N ARG A 92 1.75 -11.43 1.50
CA ARG A 92 1.85 -12.75 2.12
C ARG A 92 3.31 -13.10 2.41
N VAL A 93 4.01 -12.19 3.08
CA VAL A 93 5.38 -12.44 3.45
C VAL A 93 5.55 -12.16 4.93
N ARG A 94 6.73 -12.47 5.44
CA ARG A 94 7.07 -12.22 6.84
C ARG A 94 8.50 -11.77 6.88
N LEU A 95 8.96 -11.33 8.05
CA LEU A 95 10.32 -10.83 8.19
C LEU A 95 11.35 -11.81 7.64
N GLY A 96 12.26 -11.28 6.83
CA GLY A 96 13.32 -12.08 6.24
C GLY A 96 12.96 -12.74 4.93
N ASP A 97 11.68 -12.75 4.57
CA ASP A 97 11.31 -13.30 3.26
C ASP A 97 11.94 -12.44 2.17
N VAL A 98 11.81 -12.89 0.93
CA VAL A 98 12.37 -12.14 -0.19
C VAL A 98 11.29 -11.63 -1.12
N ILE A 99 11.35 -10.34 -1.40
CA ILE A 99 10.43 -9.76 -2.37
C ILE A 99 11.19 -9.20 -3.56
N SER A 100 10.48 -9.03 -4.67
CA SER A 100 11.04 -8.39 -5.85
C SER A 100 10.47 -6.97 -5.96
N ILE A 101 11.30 -6.01 -6.32
CA ILE A 101 10.84 -4.64 -6.44
C ILE A 101 11.10 -4.03 -7.82
N GLN A 102 10.09 -3.39 -8.42
CA GLN A 102 10.26 -2.73 -9.71
C GLN A 102 9.67 -1.34 -9.67
N PRO A 103 10.17 -0.43 -10.52
CA PRO A 103 9.47 0.85 -10.55
C PRO A 103 8.14 0.68 -11.26
N CYS A 104 7.23 1.60 -11.01
CA CYS A 104 5.91 1.58 -11.59
C CYS A 104 5.62 2.94 -12.26
N PRO A 105 6.25 3.22 -13.40
CA PRO A 105 6.12 4.55 -14.00
C PRO A 105 4.74 4.82 -14.62
N ASP A 106 4.23 3.83 -15.34
CA ASP A 106 2.95 3.91 -16.04
C ASP A 106 1.73 4.14 -15.13
N VAL A 107 1.92 4.17 -13.82
CA VAL A 107 0.78 4.19 -12.93
C VAL A 107 0.00 5.49 -13.03
N LYS A 108 -1.33 5.39 -13.01
CA LYS A 108 -2.19 6.54 -13.28
C LYS A 108 -3.03 6.96 -12.08
N TYR A 109 -3.54 8.19 -12.13
CA TYR A 109 -4.49 8.66 -11.12
C TYR A 109 -5.81 7.98 -11.38
N GLY A 110 -6.45 7.52 -10.30
CA GLY A 110 -7.69 6.76 -10.42
C GLY A 110 -8.90 7.58 -10.78
N LYS A 111 -9.72 7.04 -11.69
CA LYS A 111 -11.05 7.58 -11.99
C LYS A 111 -11.99 7.17 -10.86
N ARG A 112 -12.17 5.86 -10.70
CA ARG A 112 -13.02 5.38 -9.63
C ARG A 112 -12.35 4.26 -8.89
N ILE A 113 -12.70 4.14 -7.62
CA ILE A 113 -12.33 2.95 -6.87
C ILE A 113 -13.53 2.42 -6.11
N HIS A 114 -13.63 1.10 -6.03
CA HIS A 114 -14.69 0.47 -5.26
C HIS A 114 -14.03 -0.34 -4.15
N VAL A 115 -14.27 0.08 -2.90
CA VAL A 115 -13.83 -0.65 -1.71
C VAL A 115 -15.01 -1.14 -0.91
N LEU A 116 -14.81 -2.27 -0.24
CA LEU A 116 -15.82 -2.78 0.67
C LEU A 116 -15.21 -2.87 2.04
N PRO A 117 -15.95 -2.42 3.04
CA PRO A 117 -15.49 -2.53 4.42
C PRO A 117 -15.66 -3.97 4.94
N ILE A 118 -14.73 -4.40 5.80
CA ILE A 118 -14.76 -5.74 6.37
C ILE A 118 -15.58 -5.83 7.67
N ASP A 119 -16.72 -6.51 7.62
CA ASP A 119 -17.56 -6.67 8.81
C ASP A 119 -17.13 -7.87 9.67
N ASP A 120 -16.27 -7.61 10.65
CA ASP A 120 -15.68 -8.65 11.50
C ASP A 120 -16.46 -8.88 12.79
N THR A 121 -17.31 -7.93 13.15
CA THR A 121 -17.90 -7.92 14.46
C THR A 121 -19.42 -7.86 14.44
N VAL A 122 -20.03 -8.47 15.45
CA VAL A 122 -21.46 -8.34 15.65
C VAL A 122 -21.64 -6.90 16.03
N GLU A 123 -22.64 -6.24 15.46
CA GLU A 123 -22.81 -4.79 15.64
C GLU A 123 -22.29 -4.07 14.39
N GLY A 124 -21.61 -4.82 13.54
CA GLY A 124 -21.12 -4.26 12.30
C GLY A 124 -20.47 -2.92 12.55
N ILE A 125 -20.54 -2.04 11.56
CA ILE A 125 -19.96 -0.73 11.75
C ILE A 125 -20.80 0.37 11.16
N THR A 126 -20.78 1.49 11.87
CA THR A 126 -21.56 2.66 11.55
C THR A 126 -20.62 3.86 11.70
N GLY A 127 -20.89 4.95 10.97
CA GLY A 127 -22.01 5.01 10.06
C GLY A 127 -21.58 5.47 8.68
N ASN A 128 -21.04 6.69 8.60
CA ASN A 128 -20.50 7.15 7.33
C ASN A 128 -19.01 6.84 7.15
N LEU A 129 -18.73 5.68 6.58
CA LEU A 129 -17.36 5.23 6.43
C LEU A 129 -16.52 6.21 5.63
N PHE A 130 -17.16 6.88 4.67
CA PHE A 130 -16.45 7.79 3.78
C PHE A 130 -15.86 8.99 4.51
N GLU A 131 -16.68 9.65 5.31
CA GLU A 131 -16.24 10.87 5.96
C GLU A 131 -15.35 10.53 7.16
N VAL A 132 -15.57 9.37 7.76
CA VAL A 132 -14.88 8.99 9.00
C VAL A 132 -13.57 8.25 8.74
N TYR A 133 -13.57 7.44 7.70
CA TYR A 133 -12.40 6.63 7.44
C TYR A 133 -11.71 7.03 6.16
N LEU A 134 -12.42 6.91 5.06
CA LEU A 134 -11.82 7.02 3.74
C LEU A 134 -11.33 8.42 3.38
N LYS A 135 -12.13 9.46 3.68
CA LYS A 135 -11.72 10.82 3.36
C LYS A 135 -10.44 11.10 4.11
N PRO A 136 -10.46 10.96 5.44
CA PRO A 136 -9.23 11.23 6.22
C PRO A 136 -8.03 10.37 5.80
N TYR A 137 -8.23 9.09 5.51
CA TYR A 137 -7.14 8.22 5.10
C TYR A 137 -6.53 8.62 3.75
N PHE A 138 -7.38 8.84 2.76
CA PHE A 138 -6.90 9.11 1.41
C PHE A 138 -6.52 10.54 1.13
N LEU A 139 -7.30 11.46 1.69
CA LEU A 139 -7.04 12.89 1.59
C LEU A 139 -5.65 13.11 2.06
N GLU A 140 -4.83 13.78 1.25
CA GLU A 140 -3.43 14.03 1.56
C GLU A 140 -2.51 13.24 0.62
N ALA A 141 -2.58 11.91 0.73
CA ALA A 141 -1.42 11.10 0.48
C ALA A 141 -1.19 10.70 -0.96
N TYR A 142 -2.16 10.87 -1.83
CA TYR A 142 -2.00 10.28 -3.16
C TYR A 142 -1.49 8.85 -2.94
N ARG A 143 -2.29 8.02 -2.28
CA ARG A 143 -1.91 6.64 -2.01
C ARG A 143 -2.09 5.77 -3.25
N PRO A 144 -1.11 4.92 -3.55
CA PRO A 144 -1.28 3.90 -4.59
C PRO A 144 -2.00 2.68 -4.03
N ILE A 145 -2.96 2.12 -4.77
CA ILE A 145 -3.69 0.94 -4.32
C ILE A 145 -3.93 -0.05 -5.48
N ARG A 146 -4.19 -1.30 -5.14
CA ARG A 146 -4.34 -2.38 -6.12
C ARG A 146 -5.64 -3.11 -5.84
N LYS A 147 -6.25 -3.68 -6.89
CA LYS A 147 -7.33 -4.63 -6.69
C LYS A 147 -6.84 -5.66 -5.66
N GLY A 148 -7.64 -5.94 -4.65
CA GLY A 148 -7.34 -6.98 -3.68
C GLY A 148 -6.44 -6.61 -2.51
N ASP A 149 -6.07 -5.35 -2.39
CA ASP A 149 -5.36 -4.92 -1.20
C ASP A 149 -6.34 -4.97 -0.05
N ILE A 150 -5.80 -5.23 1.14
CA ILE A 150 -6.58 -5.06 2.35
C ILE A 150 -5.84 -4.01 3.15
N PHE A 151 -6.51 -2.91 3.51
CA PHE A 151 -5.83 -1.92 4.31
C PHE A 151 -6.65 -1.55 5.52
N LEU A 152 -5.96 -0.93 6.47
CA LEU A 152 -6.51 -0.67 7.78
C LEU A 152 -6.47 0.81 8.09
N VAL A 153 -7.63 1.39 8.34
CA VAL A 153 -7.71 2.81 8.71
C VAL A 153 -7.94 2.95 10.20
N ARG A 154 -6.99 3.60 10.86
CA ARG A 154 -7.09 3.95 12.28
C ARG A 154 -8.10 5.07 12.42
N GLY A 155 -9.35 4.70 12.70
CA GLY A 155 -10.42 5.68 12.75
C GLY A 155 -10.95 5.96 14.14
N GLY A 156 -12.04 6.72 14.18
CA GLY A 156 -12.67 7.13 15.42
C GLY A 156 -13.32 5.96 16.11
N MET A 157 -12.87 5.66 17.32
CA MET A 157 -13.36 4.53 18.11
C MET A 157 -12.64 3.21 17.80
N ARG A 158 -12.54 2.86 16.53
CA ARG A 158 -11.94 1.59 16.15
C ARG A 158 -11.41 1.68 14.74
N ALA A 159 -10.30 0.99 14.49
CA ALA A 159 -9.83 0.88 13.12
C ALA A 159 -10.88 0.12 12.31
N VAL A 160 -10.89 0.32 11.00
CA VAL A 160 -11.69 -0.53 10.12
C VAL A 160 -10.82 -1.03 8.97
N GLU A 161 -11.07 -2.23 8.49
CA GLU A 161 -10.36 -2.71 7.32
C GLU A 161 -11.24 -2.57 6.09
N PHE A 162 -10.62 -2.33 4.94
CA PHE A 162 -11.34 -2.39 3.69
C PHE A 162 -10.58 -3.26 2.72
N LYS A 163 -11.31 -3.96 1.88
CA LYS A 163 -10.71 -4.63 0.74
C LYS A 163 -10.98 -3.77 -0.48
N VAL A 164 -9.98 -3.70 -1.36
CA VAL A 164 -10.13 -3.01 -2.64
C VAL A 164 -10.78 -3.96 -3.63
N VAL A 165 -12.03 -3.69 -3.97
CA VAL A 165 -12.78 -4.54 -4.87
C VAL A 165 -12.32 -4.31 -6.29
N GLU A 166 -12.21 -3.05 -6.67
CA GLU A 166 -11.62 -2.75 -7.98
C GLU A 166 -11.18 -1.31 -8.20
N THR A 167 -10.35 -1.14 -9.21
CA THR A 167 -9.88 0.17 -9.58
C THR A 167 -10.19 0.41 -11.06
N ASP A 168 -10.57 1.63 -11.37
CA ASP A 168 -10.61 2.11 -12.73
C ASP A 168 -9.69 3.31 -12.73
N PRO A 169 -8.52 3.16 -13.34
CA PRO A 169 -8.10 1.99 -14.13
C PRO A 169 -7.66 0.76 -13.33
N SER A 170 -7.91 -0.41 -13.91
CA SER A 170 -7.59 -1.70 -13.33
C SER A 170 -6.17 -2.11 -13.75
N PRO A 171 -5.44 -2.81 -12.86
CA PRO A 171 -5.86 -3.25 -11.52
C PRO A 171 -5.27 -2.38 -10.40
N TYR A 172 -4.51 -1.35 -10.76
CA TYR A 172 -3.96 -0.46 -9.73
C TYR A 172 -3.97 1.02 -10.14
N CYS A 173 -3.91 1.91 -9.16
CA CYS A 173 -3.97 3.35 -9.43
C CYS A 173 -3.65 4.23 -8.23
N ILE A 174 -3.52 5.53 -8.47
CA ILE A 174 -3.33 6.48 -7.39
C ILE A 174 -4.63 7.19 -7.08
N VAL A 175 -5.08 7.09 -5.84
CA VAL A 175 -6.26 7.81 -5.42
C VAL A 175 -5.90 9.27 -5.33
N ALA A 176 -6.44 10.03 -6.26
CA ALA A 176 -6.27 11.47 -6.30
C ALA A 176 -7.49 12.16 -5.70
N PRO A 177 -7.40 13.46 -5.47
CA PRO A 177 -8.55 14.20 -4.93
C PRO A 177 -9.82 14.16 -5.79
N ASP A 178 -9.71 13.88 -7.09
CA ASP A 178 -10.93 13.79 -7.89
C ASP A 178 -11.33 12.34 -8.14
N THR A 179 -10.55 11.41 -7.60
CA THR A 179 -10.84 9.99 -7.68
C THR A 179 -12.13 9.66 -6.94
N VAL A 180 -13.09 9.08 -7.67
CA VAL A 180 -14.35 8.67 -7.07
C VAL A 180 -14.14 7.43 -6.25
N ILE A 181 -14.71 7.44 -5.05
CA ILE A 181 -14.57 6.35 -4.10
C ILE A 181 -15.95 5.89 -3.70
N HIS A 182 -16.34 4.71 -4.17
CA HIS A 182 -17.58 4.08 -3.73
CA HIS A 182 -17.57 4.12 -3.70
C HIS A 182 -17.30 3.05 -2.64
N CYS A 183 -18.12 3.06 -1.60
CA CYS A 183 -18.03 2.08 -0.53
C CYS A 183 -19.39 1.41 -0.46
N GLU A 184 -19.41 0.10 -0.22
CA GLU A 184 -20.65 -0.69 -0.26
C GLU A 184 -21.97 0.01 0.16
N GLY A 185 -22.22 0.08 1.47
CA GLY A 185 -23.37 0.77 2.00
C GLY A 185 -23.09 2.25 2.02
N GLU A 186 -21.84 2.58 1.70
CA GLU A 186 -21.30 3.95 1.62
C GLU A 186 -20.91 4.55 2.98
#